data_9G1T
#
_entry.id   9G1T
#
_cell.length_a   170.352
_cell.length_b   170.352
_cell.length_c   170.352
_cell.angle_alpha   90.00
_cell.angle_beta   90.00
_cell.angle_gamma   90.00
#
_symmetry.space_group_name_H-M   'F 2 3'
#
loop_
_entity.id
_entity.type
_entity.pdbx_description
1 polymer 'Leukotriene C4 synthase'
2 non-polymer 'PALMITIC ACID'
3 non-polymer 'PALMITOLEIC ACID'
4 non-polymer 1-(4-chloranyl-3-fluoranyl-phenyl)-9-[(~{E})-3-phenylprop-2-enoyl]-1,9-diazaspiro[5.5]undecan-2-one
#
_entity_poly.entity_id   1
_entity_poly.type   'polypeptide(L)'
_entity_poly.pdbx_seq_one_letter_code
;MHHHHHHGKDEVALLAAVTLLGVLLQAYFSLQVISARRAFRVSPPLTTGPPEFERVYRAQVNCSEYFPLFLATLWVAGIF
FHEGAAALCGLVYLFARLRYFQGYARSAQLRLAPLYASARALWLLVALAALGLLAHFLPAALRAALLGRLRTLLPWA
;
_entity_poly.pdbx_strand_id   A
#
# COMPACT_ATOMS: atom_id res chain seq x y z
N GLY A 8 15.88 7.88 17.53
CA GLY A 8 15.89 6.74 16.62
C GLY A 8 14.51 6.18 16.28
N LYS A 9 13.62 6.13 17.29
CA LYS A 9 12.23 5.67 17.25
C LYS A 9 11.28 6.85 16.96
N ASP A 10 11.74 8.07 17.23
CA ASP A 10 10.88 9.26 16.98
C ASP A 10 10.81 9.50 15.48
N GLU A 11 11.95 9.40 14.82
CA GLU A 11 12.06 9.64 13.37
C GLU A 11 11.32 8.60 12.47
N VAL A 12 10.69 7.57 13.08
CA VAL A 12 9.96 6.48 12.42
C VAL A 12 8.54 6.28 13.02
N ALA A 13 8.19 6.99 14.11
CA ALA A 13 6.91 6.89 14.83
C ALA A 13 5.65 7.16 13.97
N LEU A 14 5.73 8.02 12.93
CA LEU A 14 4.60 8.27 12.01
C LEU A 14 4.43 7.06 11.09
N LEU A 15 5.57 6.50 10.58
CA LEU A 15 5.59 5.30 9.72
C LEU A 15 5.07 4.10 10.53
N ALA A 16 5.45 4.01 11.84
CA ALA A 16 4.95 2.93 12.71
C ALA A 16 3.43 3.07 12.88
N ALA A 17 2.94 4.33 13.10
CA ALA A 17 1.49 4.59 13.20
C ALA A 17 0.74 4.14 11.93
N VAL A 18 1.13 4.67 10.73
CA VAL A 18 0.57 4.35 9.41
C VAL A 18 0.64 2.81 9.09
N THR A 19 1.71 2.11 9.55
CA THR A 19 1.85 0.65 9.40
C THR A 19 0.73 -0.03 10.20
N LEU A 20 0.55 0.37 11.49
CA LEU A 20 -0.48 -0.17 12.38
C LEU A 20 -1.88 0.03 11.87
N LEU A 21 -2.13 1.16 11.16
CA LEU A 21 -3.39 1.50 10.50
C LEU A 21 -3.64 0.47 9.39
N GLY A 22 -2.60 0.22 8.58
CA GLY A 22 -2.61 -0.76 7.49
C GLY A 22 -2.90 -2.16 7.98
N VAL A 23 -2.25 -2.58 9.09
CA VAL A 23 -2.52 -3.89 9.70
C VAL A 23 -4.01 -3.99 10.05
N LEU A 24 -4.58 -2.99 10.79
CA LEU A 24 -6.01 -2.97 11.19
C LEU A 24 -6.93 -2.93 9.99
N LEU A 25 -6.54 -2.22 8.90
CA LEU A 25 -7.33 -2.16 7.67
C LEU A 25 -7.44 -3.58 7.08
N GLN A 26 -6.36 -4.39 7.18
CA GLN A 26 -6.33 -5.79 6.71
C GLN A 26 -7.20 -6.69 7.58
N ALA A 27 -7.26 -6.42 8.92
CA ALA A 27 -8.09 -7.17 9.87
C ALA A 27 -9.60 -6.95 9.55
N TYR A 28 -9.95 -5.71 9.10
CA TYR A 28 -11.27 -5.30 8.66
C TYR A 28 -11.66 -6.07 7.39
N PHE A 29 -10.74 -6.19 6.41
CA PHE A 29 -10.93 -6.91 5.14
C PHE A 29 -11.16 -8.40 5.36
N SER A 30 -10.49 -8.99 6.38
CA SER A 30 -10.61 -10.40 6.75
C SER A 30 -11.98 -10.66 7.39
N LEU A 31 -12.48 -9.68 8.20
CA LEU A 31 -13.79 -9.69 8.84
C LEU A 31 -14.85 -9.63 7.75
N GLN A 32 -14.62 -8.78 6.72
CA GLN A 32 -15.53 -8.63 5.58
C GLN A 32 -15.67 -9.93 4.79
N VAL A 33 -14.54 -10.62 4.57
CA VAL A 33 -14.55 -11.90 3.85
C VAL A 33 -15.19 -12.99 4.75
N ILE A 34 -14.90 -13.00 6.07
CA ILE A 34 -15.54 -13.93 7.01
C ILE A 34 -17.06 -13.76 7.00
N SER A 35 -17.54 -12.49 6.98
CA SER A 35 -18.97 -12.16 6.93
C SER A 35 -19.64 -12.58 5.62
N ALA A 36 -18.91 -12.48 4.48
CA ALA A 36 -19.40 -12.90 3.17
C ALA A 36 -19.48 -14.42 3.05
N ARG A 37 -18.68 -15.16 3.85
CA ARG A 37 -18.66 -16.63 3.88
C ARG A 37 -19.91 -17.20 4.53
N ARG A 38 -20.51 -16.42 5.45
CA ARG A 38 -21.75 -16.77 6.13
C ARG A 38 -22.96 -16.26 5.31
N ALA A 39 -22.80 -15.06 4.70
CA ALA A 39 -23.81 -14.40 3.86
C ALA A 39 -24.01 -15.07 2.50
N PHE A 40 -23.19 -16.08 2.16
CA PHE A 40 -23.29 -16.83 0.91
C PHE A 40 -23.09 -18.35 1.11
N ARG A 41 -22.92 -18.81 2.37
CA ARG A 41 -22.67 -20.20 2.80
C ARG A 41 -21.45 -20.85 2.08
N VAL A 42 -20.36 -20.05 1.89
CA VAL A 42 -19.13 -20.51 1.24
C VAL A 42 -18.18 -21.14 2.27
N SER A 43 -18.12 -22.47 2.26
CA SER A 43 -17.33 -23.28 3.18
C SER A 43 -15.85 -23.29 2.77
N PRO A 44 -14.90 -23.05 3.69
CA PRO A 44 -13.48 -23.12 3.30
C PRO A 44 -13.09 -24.60 3.14
N PRO A 45 -12.19 -25.00 2.22
CA PRO A 45 -11.28 -24.19 1.38
C PRO A 45 -11.82 -23.75 0.01
N LEU A 46 -13.12 -23.43 -0.10
CA LEU A 46 -13.65 -22.94 -1.38
C LEU A 46 -13.56 -21.42 -1.47
N THR A 47 -13.21 -20.90 -2.65
CA THR A 47 -13.03 -19.47 -2.89
C THR A 47 -14.05 -18.98 -3.95
N THR A 48 -14.83 -19.93 -4.49
CA THR A 48 -15.83 -19.74 -5.53
C THR A 48 -17.26 -19.74 -5.00
N GLY A 49 -18.04 -18.78 -5.49
CA GLY A 49 -19.44 -18.60 -5.15
C GLY A 49 -20.14 -17.67 -6.13
N PRO A 50 -21.09 -16.82 -5.64
CA PRO A 50 -21.79 -15.89 -6.56
C PRO A 50 -20.87 -14.79 -7.10
N PRO A 51 -21.29 -13.95 -8.10
CA PRO A 51 -20.39 -12.88 -8.59
C PRO A 51 -20.11 -11.78 -7.55
N GLU A 52 -20.59 -11.96 -6.30
CA GLU A 52 -20.38 -11.02 -5.21
C GLU A 52 -19.47 -11.55 -4.13
N PHE A 53 -19.56 -12.86 -3.80
CA PHE A 53 -18.63 -13.42 -2.82
C PHE A 53 -17.22 -13.30 -3.37
N GLU A 54 -17.01 -13.70 -4.65
CA GLU A 54 -15.72 -13.61 -5.35
C GLU A 54 -15.11 -12.19 -5.38
N ARG A 55 -15.95 -11.15 -5.52
CA ARG A 55 -15.53 -9.74 -5.56
C ARG A 55 -15.00 -9.25 -4.21
N VAL A 56 -15.77 -9.51 -3.12
CA VAL A 56 -15.42 -9.18 -1.74
C VAL A 56 -14.11 -9.92 -1.40
N TYR A 57 -14.05 -11.21 -1.74
CA TYR A 57 -12.92 -12.09 -1.52
C TYR A 57 -11.67 -11.68 -2.34
N ARG A 58 -11.84 -11.29 -3.62
CA ARG A 58 -10.72 -10.90 -4.49
C ARG A 58 -10.13 -9.56 -4.07
N ALA A 59 -11.01 -8.64 -3.61
CA ALA A 59 -10.62 -7.32 -3.11
C ALA A 59 -9.69 -7.51 -1.93
N GLN A 60 -9.98 -8.51 -1.07
CA GLN A 60 -9.17 -8.90 0.10
C GLN A 60 -7.81 -9.42 -0.34
N VAL A 61 -7.81 -10.42 -1.25
CA VAL A 61 -6.67 -11.12 -1.84
C VAL A 61 -5.70 -10.13 -2.47
N ASN A 62 -6.23 -9.13 -3.19
CA ASN A 62 -5.43 -8.10 -3.84
C ASN A 62 -4.76 -7.18 -2.86
N CYS A 63 -5.53 -6.68 -1.88
CA CYS A 63 -5.01 -5.80 -0.83
C CYS A 63 -3.93 -6.48 -0.02
N SER A 64 -4.12 -7.78 0.28
CA SER A 64 -3.17 -8.63 0.99
C SER A 64 -1.85 -8.70 0.25
N GLU A 65 -1.89 -8.90 -1.10
CA GLU A 65 -0.72 -8.96 -2.00
C GLU A 65 0.03 -7.66 -2.03
N TYR A 66 -0.68 -6.55 -2.12
CA TYR A 66 -0.13 -5.22 -2.24
C TYR A 66 0.37 -4.62 -0.95
N PHE A 67 0.01 -5.18 0.20
CA PHE A 67 0.41 -4.71 1.52
C PHE A 67 1.93 -4.64 1.71
N PRO A 68 2.75 -5.70 1.43
CA PRO A 68 4.22 -5.59 1.59
C PRO A 68 4.88 -4.56 0.67
N LEU A 69 4.29 -4.32 -0.53
CA LEU A 69 4.73 -3.32 -1.47
C LEU A 69 4.51 -1.98 -0.78
N PHE A 70 3.32 -1.75 -0.18
CA PHE A 70 3.02 -0.54 0.59
C PHE A 70 4.05 -0.37 1.73
N LEU A 71 4.23 -1.39 2.60
CA LEU A 71 5.17 -1.38 3.72
C LEU A 71 6.59 -1.05 3.27
N ALA A 72 7.13 -1.75 2.24
CA ALA A 72 8.46 -1.51 1.73
C ALA A 72 8.66 -0.02 1.34
N THR A 73 7.79 0.51 0.44
CA THR A 73 7.83 1.90 -0.06
C THR A 73 7.66 2.94 1.07
N LEU A 74 6.65 2.77 1.97
CA LEU A 74 6.36 3.66 3.10
C LEU A 74 7.60 3.88 3.99
N TRP A 75 8.32 2.78 4.26
CA TRP A 75 9.49 2.76 5.09
C TRP A 75 10.74 3.30 4.40
N VAL A 76 10.93 2.98 3.09
CA VAL A 76 12.10 3.48 2.37
C VAL A 76 11.94 4.95 2.07
N ALA A 77 10.77 5.39 1.61
CA ALA A 77 10.46 6.80 1.36
C ALA A 77 10.52 7.60 2.67
N GLY A 78 10.02 7.04 3.77
CA GLY A 78 9.99 7.66 5.09
C GLY A 78 11.35 7.87 5.73
N ILE A 79 12.33 7.04 5.35
CA ILE A 79 13.68 7.11 5.89
C ILE A 79 14.65 7.87 4.94
N PHE A 80 14.51 7.79 3.61
CA PHE A 80 15.40 8.46 2.65
C PHE A 80 14.87 9.81 2.13
N PHE A 81 13.57 10.08 2.26
CA PHE A 81 12.89 11.37 1.96
C PHE A 81 12.08 11.70 3.26
N HIS A 82 11.40 12.84 3.34
CA HIS A 82 10.60 13.18 4.56
C HIS A 82 9.68 12.06 5.07
N GLU A 83 9.75 11.73 6.37
CA GLU A 83 8.88 10.79 7.07
C GLU A 83 7.39 11.21 7.06
N GLY A 84 7.12 12.51 7.20
CA GLY A 84 5.77 13.06 7.21
C GLY A 84 5.12 12.94 5.85
N ALA A 85 5.90 13.23 4.79
CA ALA A 85 5.50 13.12 3.39
C ALA A 85 5.15 11.67 3.06
N ALA A 86 6.03 10.73 3.43
CA ALA A 86 5.80 9.29 3.24
C ALA A 86 4.58 8.86 4.03
N ALA A 87 4.41 9.35 5.29
CA ALA A 87 3.25 9.04 6.15
C ALA A 87 1.95 9.56 5.54
N LEU A 88 2.01 10.70 4.81
CA LEU A 88 0.85 11.29 4.12
C LEU A 88 0.41 10.40 2.95
N CYS A 89 1.34 10.02 2.02
CA CYS A 89 1.00 9.12 0.88
C CYS A 89 0.56 7.75 1.39
N GLY A 90 1.14 7.34 2.51
CA GLY A 90 0.81 6.10 3.20
C GLY A 90 -0.63 6.12 3.65
N LEU A 91 -1.13 7.30 4.12
CA LEU A 91 -2.54 7.49 4.53
C LEU A 91 -3.46 7.53 3.30
N VAL A 92 -3.02 8.20 2.21
CA VAL A 92 -3.71 8.32 0.93
C VAL A 92 -3.93 6.92 0.33
N TYR A 93 -2.84 6.12 0.24
CA TYR A 93 -2.87 4.76 -0.28
C TYR A 93 -3.88 3.92 0.50
N LEU A 94 -3.69 3.82 1.83
CA LEU A 94 -4.60 3.07 2.70
C LEU A 94 -6.06 3.50 2.55
N PHE A 95 -6.35 4.84 2.52
CA PHE A 95 -7.72 5.34 2.35
C PHE A 95 -8.29 4.94 0.99
N ALA A 96 -7.48 5.05 -0.09
CA ALA A 96 -7.85 4.63 -1.45
C ALA A 96 -8.17 3.14 -1.46
N ARG A 97 -7.47 2.34 -0.64
CA ARG A 97 -7.72 0.89 -0.53
C ARG A 97 -9.07 0.55 0.09
N LEU A 98 -9.53 1.34 1.08
CA LEU A 98 -10.84 1.15 1.71
C LEU A 98 -11.88 1.34 0.63
N ARG A 99 -11.75 2.45 -0.15
CA ARG A 99 -12.63 2.77 -1.28
C ARG A 99 -12.56 1.66 -2.34
N TYR A 100 -11.34 1.15 -2.67
CA TYR A 100 -11.10 0.05 -3.63
C TYR A 100 -11.96 -1.12 -3.22
N PHE A 101 -11.82 -1.56 -1.94
CA PHE A 101 -12.52 -2.70 -1.37
C PHE A 101 -14.02 -2.47 -1.46
N GLN A 102 -14.51 -1.33 -0.93
CA GLN A 102 -15.93 -0.92 -0.93
C GLN A 102 -16.58 -0.84 -2.35
N GLY A 103 -15.78 -0.47 -3.36
CA GLY A 103 -16.16 -0.36 -4.76
C GLY A 103 -16.31 -1.71 -5.42
N TYR A 104 -15.31 -2.59 -5.22
CA TYR A 104 -15.26 -3.98 -5.70
C TYR A 104 -16.42 -4.78 -5.04
N ALA A 105 -16.67 -4.52 -3.73
CA ALA A 105 -17.74 -5.13 -2.95
C ALA A 105 -19.14 -4.78 -3.54
N ARG A 106 -19.18 -3.83 -4.49
CA ARG A 106 -20.36 -3.45 -5.26
C ARG A 106 -20.12 -4.05 -6.65
N SER A 107 -19.50 -3.32 -7.61
CA SER A 107 -19.17 -3.89 -8.93
C SER A 107 -17.66 -3.90 -9.19
N ALA A 108 -17.18 -4.78 -10.10
CA ALA A 108 -15.77 -4.84 -10.48
C ALA A 108 -15.36 -3.62 -11.34
N GLN A 109 -16.28 -2.65 -11.57
CA GLN A 109 -16.03 -1.40 -12.29
C GLN A 109 -15.74 -0.25 -11.28
N LEU A 110 -16.61 -0.12 -10.24
CA LEU A 110 -16.54 0.90 -9.18
C LEU A 110 -15.27 0.81 -8.32
N ARG A 111 -14.40 -0.19 -8.61
CA ARG A 111 -13.11 -0.37 -7.93
C ARG A 111 -11.93 0.31 -8.68
N LEU A 112 -12.05 0.52 -10.01
CA LEU A 112 -11.05 1.12 -10.90
C LEU A 112 -10.52 2.49 -10.43
N ALA A 113 -11.42 3.47 -10.19
CA ALA A 113 -11.09 4.83 -9.75
C ALA A 113 -10.33 4.81 -8.39
N PRO A 114 -10.82 4.17 -7.29
CA PRO A 114 -9.99 4.10 -6.08
C PRO A 114 -8.79 3.18 -6.25
N LEU A 115 -8.75 2.30 -7.29
CA LEU A 115 -7.60 1.44 -7.56
C LEU A 115 -6.49 2.30 -8.16
N TYR A 116 -6.86 3.22 -9.10
CA TYR A 116 -5.90 4.13 -9.72
C TYR A 116 -5.40 5.19 -8.73
N ALA A 117 -6.26 5.57 -7.74
CA ALA A 117 -5.89 6.50 -6.68
C ALA A 117 -4.80 5.84 -5.82
N SER A 118 -4.96 4.52 -5.51
CA SER A 118 -4.00 3.70 -4.76
C SER A 118 -2.68 3.62 -5.53
N ALA A 119 -2.75 3.41 -6.87
CA ALA A 119 -1.57 3.34 -7.73
C ALA A 119 -0.73 4.63 -7.66
N ARG A 120 -1.40 5.81 -7.78
CA ARG A 120 -0.81 7.15 -7.72
C ARG A 120 0.01 7.30 -6.46
N ALA A 121 -0.57 6.95 -5.29
CA ALA A 121 0.09 7.03 -3.98
C ALA A 121 1.28 6.07 -3.88
N LEU A 122 1.21 4.91 -4.55
CA LEU A 122 2.26 3.89 -4.57
C LEU A 122 3.46 4.35 -5.40
N TRP A 123 3.21 4.96 -6.57
CA TRP A 123 4.24 5.53 -7.46
C TRP A 123 4.88 6.77 -6.82
N LEU A 124 4.07 7.54 -6.05
CA LEU A 124 4.50 8.74 -5.33
C LEU A 124 5.52 8.36 -4.26
N LEU A 125 5.26 7.27 -3.51
CA LEU A 125 6.18 6.74 -2.49
C LEU A 125 7.46 6.21 -3.16
N VAL A 126 7.30 5.51 -4.31
CA VAL A 126 8.43 4.98 -5.09
C VAL A 126 9.35 6.13 -5.52
N ALA A 127 8.77 7.21 -6.06
CA ALA A 127 9.53 8.38 -6.52
C ALA A 127 10.31 9.06 -5.37
N LEU A 128 9.65 9.26 -4.22
CA LEU A 128 10.23 9.88 -3.03
C LEU A 128 11.36 9.00 -2.44
N ALA A 129 11.20 7.67 -2.47
CA ALA A 129 12.23 6.71 -2.03
C ALA A 129 13.38 6.81 -3.01
N ALA A 130 13.08 6.82 -4.34
CA ALA A 130 14.06 6.94 -5.42
C ALA A 130 14.85 8.25 -5.30
N LEU A 131 14.16 9.40 -5.12
CA LEU A 131 14.79 10.71 -4.94
C LEU A 131 15.66 10.79 -3.68
N GLY A 132 15.24 10.12 -2.61
CA GLY A 132 15.99 10.04 -1.35
C GLY A 132 17.28 9.24 -1.45
N LEU A 133 17.27 8.17 -2.24
CA LEU A 133 18.43 7.30 -2.48
C LEU A 133 19.33 7.93 -3.52
N LEU A 134 18.74 8.59 -4.54
CA LEU A 134 19.47 9.30 -5.59
C LEU A 134 20.34 10.33 -4.92
N ALA A 135 19.72 11.21 -4.11
CA ALA A 135 20.36 12.26 -3.32
C ALA A 135 21.38 11.69 -2.31
N HIS A 136 21.27 10.39 -1.98
CA HIS A 136 22.21 9.73 -1.07
C HIS A 136 23.49 9.31 -1.81
N PHE A 137 23.37 8.50 -2.90
CA PHE A 137 24.47 7.95 -3.69
C PHE A 137 25.10 8.87 -4.73
N LEU A 138 24.29 9.69 -5.44
CA LEU A 138 24.72 10.59 -6.51
C LEU A 138 25.86 11.56 -6.15
N PRO A 139 25.81 12.34 -5.03
CA PRO A 139 26.92 13.26 -4.74
C PRO A 139 28.29 12.57 -4.60
N ALA A 140 28.32 11.35 -4.02
CA ALA A 140 29.56 10.59 -3.84
C ALA A 140 30.07 10.09 -5.17
N ALA A 141 29.14 9.74 -6.09
CA ALA A 141 29.44 9.25 -7.44
C ALA A 141 30.02 10.39 -8.26
N LEU A 142 29.27 11.51 -8.38
CA LEU A 142 29.65 12.76 -9.05
C LEU A 142 31.04 13.21 -8.56
N ARG A 143 31.33 13.08 -7.24
CA ARG A 143 32.61 13.44 -6.64
C ARG A 143 33.76 12.54 -7.10
N ALA A 144 33.56 11.20 -7.03
CA ALA A 144 34.57 10.20 -7.43
C ALA A 144 34.77 10.16 -8.95
N ALA A 145 33.68 10.39 -9.72
CA ALA A 145 33.68 10.45 -11.19
C ALA A 145 34.55 11.64 -11.66
N LEU A 146 34.29 12.84 -11.08
CA LEU A 146 35.04 14.08 -11.34
C LEU A 146 36.44 13.99 -10.78
N LEU A 147 36.71 12.97 -9.95
CA LEU A 147 38.02 12.72 -9.38
C LEU A 147 38.96 12.03 -10.40
N GLY A 148 38.48 11.91 -11.65
CA GLY A 148 39.23 11.39 -12.78
C GLY A 148 39.71 12.52 -13.68
N ARG A 149 40.91 13.08 -13.40
CA ARG A 149 41.51 14.19 -14.16
C ARG A 149 43.01 13.95 -14.37
N LEU A 150 43.68 13.51 -13.27
CA LEU A 150 45.06 13.11 -12.98
C LEU A 150 46.19 13.58 -13.96
#